data_3VLN
#
_entry.id   3VLN
#
_cell.length_a   56.918
_cell.length_b   56.918
_cell.length_c   140.511
_cell.angle_alpha   90.00
_cell.angle_beta   90.00
_cell.angle_gamma   120.00
#
_symmetry.space_group_name_H-M   'P 31 2 1'
#
loop_
_entity.id
_entity.type
_entity.pdbx_description
1 polymer 'Glutathione S-transferase omega-1'
2 non-polymer 'SULFATE ION'
3 non-polymer 'ASCORBIC ACID'
4 non-polymer GLYCEROL
5 non-polymer 1,2-ETHANEDIOL
6 non-polymer 'ACETATE ION'
7 water water
#
_entity_poly.entity_id   1
_entity_poly.type   'polypeptide(L)'
_entity_poly.pdbx_seq_one_letter_code
;MSGESARSLGKGSAPPGPVPEGSIRIYSMRFSPFAERTRLVLKAKGIRHEVININLKNKPEWFFKKNPFGLVPVLENSQG
QLIYESAITCEYLDEAYPGKKLLPDDPYEKACQKMILELFSKVPSLVGSFIRSQNKEDYAGLKEEFRKEFTKLEEVLTNK
KTTFFGGNSISMIDYLIWPWFERLEAMKLNECVDHTPKLKLWMAAMKEDPTVSALLTSEKDWQGFLELYLQNSPEACDYG
L
;
_entity_poly.pdbx_strand_id   A
#
loop_
_chem_comp.id
_chem_comp.type
_chem_comp.name
_chem_comp.formula
ACT non-polymer 'ACETATE ION' 'C2 H3 O2 -1'
ASC L-saccharide 'ASCORBIC ACID' 'C6 H8 O6'
EDO non-polymer 1,2-ETHANEDIOL 'C2 H6 O2'
GOL non-polymer GLYCEROL 'C3 H8 O3'
SO4 non-polymer 'SULFATE ION' 'O4 S -2'
#
# COMPACT_ATOMS: atom_id res chain seq x y z
N GLY A 3 -7.21 19.14 10.89
CA GLY A 3 -5.95 18.32 10.68
C GLY A 3 -5.74 17.23 11.74
N GLU A 4 -5.97 17.60 13.00
CA GLU A 4 -6.07 16.64 14.12
C GLU A 4 -7.31 15.73 13.97
N SER A 5 -8.17 16.01 13.00
CA SER A 5 -9.25 15.07 12.61
C SER A 5 -8.75 13.66 12.28
N ALA A 6 -7.50 13.56 11.79
CA ALA A 6 -6.87 12.30 11.39
C ALA A 6 -6.28 11.48 12.54
N ARG A 7 -6.33 11.98 13.77
CA ARG A 7 -5.79 11.24 14.90
C ARG A 7 -6.40 9.82 14.98
N SER A 8 -5.55 8.83 15.30
CA SER A 8 -5.97 7.44 15.32
C SER A 8 -6.89 7.16 16.50
N LEU A 9 -7.71 6.14 16.36
CA LEU A 9 -8.51 5.60 17.48
C LEU A 9 -7.73 4.42 18.05
N GLY A 10 -7.63 4.36 19.39
CA GLY A 10 -6.86 3.36 20.09
C GLY A 10 -7.68 2.66 21.16
N LYS A 11 -7.00 1.92 22.04
CA LYS A 11 -7.69 1.21 23.11
C LYS A 11 -8.49 2.20 23.92
N GLY A 12 -9.73 1.84 24.19
CA GLY A 12 -10.60 2.70 24.97
C GLY A 12 -11.53 3.58 24.13
N SER A 13 -11.23 3.77 22.85
CA SER A 13 -12.05 4.59 21.95
C SER A 13 -13.41 3.98 21.78
N ALA A 14 -14.42 4.81 21.52
CA ALA A 14 -15.77 4.29 21.30
C ALA A 14 -15.87 3.68 19.95
N PRO A 15 -16.60 2.56 19.81
CA PRO A 15 -16.79 2.06 18.50
C PRO A 15 -17.49 3.11 17.61
N PRO A 16 -17.08 3.21 16.35
CA PRO A 16 -17.69 4.19 15.46
C PRO A 16 -19.10 3.82 15.05
N GLY A 17 -19.83 4.84 14.62
CA GLY A 17 -21.22 4.68 14.22
C GLY A 17 -21.27 4.20 12.78
N PRO A 18 -22.47 4.06 12.25
CA PRO A 18 -22.59 3.57 10.88
C PRO A 18 -22.01 4.46 9.81
N VAL A 19 -21.63 3.83 8.70
CA VAL A 19 -21.15 4.57 7.52
C VAL A 19 -22.34 5.19 6.80
N PRO A 20 -22.28 6.49 6.52
CA PRO A 20 -23.40 7.14 5.81
C PRO A 20 -23.61 6.67 4.37
N GLU A 21 -24.86 6.62 3.96
CA GLU A 21 -25.24 6.33 2.58
CA GLU A 21 -25.16 6.27 2.57
C GLU A 21 -24.41 7.24 1.66
N GLY A 22 -23.82 6.69 0.62
CA GLY A 22 -23.12 7.51 -0.34
C GLY A 22 -21.63 7.58 -0.15
N SER A 23 -21.16 7.09 0.99
CA SER A 23 -19.77 6.98 1.33
C SER A 23 -19.36 5.54 1.67
N ILE A 24 -18.09 5.24 1.52
CA ILE A 24 -17.46 4.01 2.05
C ILE A 24 -16.42 4.46 3.04
N ARG A 25 -16.18 3.63 4.05
CA ARG A 25 -15.23 3.91 5.09
C ARG A 25 -14.03 2.98 4.95
N ILE A 26 -12.83 3.56 5.08
CA ILE A 26 -11.63 2.77 5.20
C ILE A 26 -11.06 2.95 6.60
N TYR A 27 -10.84 1.81 7.24
CA TYR A 27 -10.00 1.72 8.45
C TYR A 27 -8.58 1.57 7.96
N SER A 28 -7.74 2.54 8.33
CA SER A 28 -6.40 2.72 7.74
C SER A 28 -5.35 3.02 8.83
N MET A 29 -4.13 3.29 8.39
CA MET A 29 -3.12 3.93 9.22
C MET A 29 -2.23 4.71 8.23
N ARG A 30 -1.89 5.96 8.53
CA ARG A 30 -1.34 6.89 7.55
C ARG A 30 -0.05 6.39 6.90
N PHE A 31 0.70 5.55 7.62
CA PHE A 31 1.99 5.07 7.18
C PHE A 31 2.00 3.60 6.71
N SER A 32 0.85 2.95 6.76
CA SER A 32 0.70 1.56 6.29
C SER A 32 0.78 1.42 4.75
N PRO A 33 1.75 0.63 4.24
CA PRO A 33 1.78 0.46 2.77
C PRO A 33 0.64 -0.43 2.29
N PHE A 34 0.18 -1.34 3.13
CA PHE A 34 -1.01 -2.12 2.76
C PHE A 34 -2.26 -1.25 2.59
N ALA A 35 -2.51 -0.36 3.56
CA ALA A 35 -3.64 0.54 3.50
C ALA A 35 -3.45 1.56 2.39
N GLU A 36 -2.21 1.94 2.07
CA GLU A 36 -1.97 2.86 0.95
C GLU A 36 -2.50 2.35 -0.35
N ARG A 37 -2.42 1.03 -0.56
CA ARG A 37 -2.96 0.42 -1.80
C ARG A 37 -4.41 0.83 -1.99
N THR A 38 -5.19 0.60 -0.93
CA THR A 38 -6.63 0.89 -0.95
C THR A 38 -6.89 2.38 -1.15
N ARG A 39 -6.12 3.24 -0.50
CA ARG A 39 -6.32 4.68 -0.62
C ARG A 39 -5.95 5.17 -2.04
N LEU A 40 -4.88 4.61 -2.64
CA LEU A 40 -4.55 4.93 -4.02
C LEU A 40 -5.73 4.60 -4.96
N VAL A 41 -6.33 3.44 -4.76
CA VAL A 41 -7.53 3.07 -5.53
C VAL A 41 -8.72 3.99 -5.30
N LEU A 42 -9.04 4.33 -4.05
CA LEU A 42 -10.10 5.25 -3.73
C LEU A 42 -9.88 6.61 -4.45
N LYS A 43 -8.64 7.08 -4.43
CA LYS A 43 -8.32 8.35 -5.09
C LYS A 43 -8.38 8.19 -6.62
N ALA A 44 -7.74 7.17 -7.17
CA ALA A 44 -7.72 6.95 -8.62
C ALA A 44 -9.14 6.89 -9.23
N LYS A 45 -10.05 6.28 -8.48
CA LYS A 45 -11.43 6.10 -8.92
C LYS A 45 -12.37 7.22 -8.51
N GLY A 46 -11.89 8.17 -7.71
CA GLY A 46 -12.75 9.25 -7.28
C GLY A 46 -13.91 8.84 -6.38
N ILE A 47 -13.66 7.87 -5.50
CA ILE A 47 -14.69 7.34 -4.61
C ILE A 47 -14.80 8.13 -3.32
N ARG A 48 -15.98 8.65 -3.03
CA ARG A 48 -16.20 9.41 -1.79
C ARG A 48 -16.05 8.45 -0.62
N HIS A 49 -15.23 8.84 0.34
CA HIS A 49 -14.93 7.98 1.47
C HIS A 49 -14.55 8.74 2.75
N GLU A 50 -14.68 8.04 3.85
CA GLU A 50 -14.18 8.54 5.13
C GLU A 50 -13.08 7.63 5.59
N VAL A 51 -12.17 8.16 6.42
CA VAL A 51 -11.01 7.41 6.93
C VAL A 51 -11.06 7.40 8.48
N ILE A 52 -10.88 6.20 9.05
CA ILE A 52 -10.65 6.05 10.48
C ILE A 52 -9.25 5.42 10.60
N ASN A 53 -8.31 6.15 11.19
CA ASN A 53 -6.98 5.58 11.40
C ASN A 53 -7.03 4.77 12.69
N ILE A 54 -6.37 3.61 12.70
CA ILE A 54 -6.28 2.72 13.83
C ILE A 54 -4.87 2.77 14.43
N ASN A 55 -4.79 2.92 15.74
CA ASN A 55 -3.50 2.83 16.45
C ASN A 55 -3.06 1.36 16.54
N LEU A 56 -2.19 0.98 15.61
CA LEU A 56 -1.75 -0.40 15.48
C LEU A 56 -0.92 -0.88 16.66
N LYS A 57 -0.42 0.01 17.52
CA LYS A 57 0.39 -0.37 18.67
C LYS A 57 -0.39 -0.21 19.98
N ASN A 58 -1.70 0.07 19.85
CA ASN A 58 -2.59 0.22 20.99
C ASN A 58 -4.02 0.10 20.45
N LYS A 59 -4.36 -1.06 19.87
CA LYS A 59 -5.57 -1.25 19.08
C LYS A 59 -6.83 -1.23 19.97
N PRO A 60 -7.92 -0.64 19.47
CA PRO A 60 -9.22 -0.80 20.10
C PRO A 60 -9.68 -2.27 19.98
N GLU A 61 -10.22 -2.81 21.04
CA GLU A 61 -10.72 -4.19 20.99
CA GLU A 61 -10.76 -4.16 21.04
C GLU A 61 -11.87 -4.30 19.97
N TRP A 62 -12.66 -3.25 19.79
CA TRP A 62 -13.74 -3.31 18.78
C TRP A 62 -13.22 -3.52 17.36
N PHE A 63 -11.95 -3.21 17.11
CA PHE A 63 -11.44 -3.32 15.74
C PHE A 63 -11.40 -4.77 15.28
N PHE A 64 -11.26 -5.70 16.22
CA PHE A 64 -11.31 -7.11 15.88
C PHE A 64 -12.69 -7.55 15.44
N LYS A 65 -13.73 -6.74 15.67
CA LYS A 65 -15.08 -7.00 15.10
C LYS A 65 -15.17 -6.54 13.63
N LYS A 66 -14.29 -5.64 13.22
CA LYS A 66 -14.20 -5.23 11.84
C LYS A 66 -13.37 -6.22 11.05
N ASN A 67 -12.28 -6.71 11.66
CA ASN A 67 -11.40 -7.68 11.00
C ASN A 67 -10.85 -8.60 12.08
N PRO A 68 -11.22 -9.88 12.05
CA PRO A 68 -10.70 -10.76 13.07
C PRO A 68 -9.17 -10.88 13.11
N PHE A 69 -8.50 -10.64 11.98
CA PHE A 69 -7.03 -10.57 11.91
C PHE A 69 -6.43 -9.31 12.58
N GLY A 70 -7.27 -8.28 12.78
CA GLY A 70 -6.84 -7.03 13.43
C GLY A 70 -5.89 -6.18 12.61
N LEU A 71 -5.96 -6.30 11.29
CA LEU A 71 -5.08 -5.62 10.37
C LEU A 71 -5.81 -4.56 9.58
N VAL A 72 -5.06 -3.55 9.14
CA VAL A 72 -5.58 -2.56 8.13
C VAL A 72 -5.00 -2.94 6.78
N PRO A 73 -5.70 -2.62 5.66
CA PRO A 73 -6.97 -1.94 5.59
C PRO A 73 -8.18 -2.85 5.75
N VAL A 74 -9.30 -2.17 6.09
CA VAL A 74 -10.63 -2.77 6.12
C VAL A 74 -11.57 -1.73 5.51
N LEU A 75 -12.46 -2.19 4.64
CA LEU A 75 -13.55 -1.38 4.11
C LEU A 75 -14.86 -1.71 4.82
N GLU A 76 -15.63 -0.67 5.11
CA GLU A 76 -17.01 -0.85 5.64
C GLU A 76 -17.95 0.01 4.86
N ASN A 77 -19.03 -0.55 4.31
CA ASN A 77 -20.01 0.28 3.54
C ASN A 77 -21.28 0.54 4.33
N SER A 78 -22.21 1.32 3.76
CA SER A 78 -23.38 1.76 4.48
C SER A 78 -24.33 0.61 4.78
N GLN A 79 -24.21 -0.48 4.03
CA GLN A 79 -24.94 -1.72 4.30
C GLN A 79 -24.36 -2.58 5.41
N GLY A 80 -23.21 -2.17 5.95
CA GLY A 80 -22.52 -2.82 7.06
C GLY A 80 -21.56 -3.94 6.65
N GLN A 81 -21.37 -4.10 5.35
CA GLN A 81 -20.45 -5.17 4.83
C GLN A 81 -19.02 -4.78 5.12
N LEU A 82 -18.20 -5.78 5.44
CA LEU A 82 -16.82 -5.58 5.82
C LEU A 82 -15.91 -6.38 4.88
N ILE A 83 -14.94 -5.72 4.32
CA ILE A 83 -13.96 -6.31 3.38
C ILE A 83 -12.55 -6.04 3.88
N TYR A 84 -11.72 -7.10 3.99
CA TYR A 84 -10.34 -6.90 4.40
C TYR A 84 -9.38 -7.72 3.50
N GLU A 85 -8.09 -7.43 3.68
N GLU A 85 -8.07 -7.57 3.77
CA GLU A 85 -6.95 -7.91 2.87
CA GLU A 85 -6.90 -7.89 2.89
C GLU A 85 -6.79 -6.89 1.75
C GLU A 85 -6.80 -6.88 1.78
N SER A 86 -5.63 -6.25 1.68
CA SER A 86 -5.44 -5.12 0.82
C SER A 86 -5.81 -5.38 -0.64
N ALA A 87 -5.34 -6.47 -1.20
CA ALA A 87 -5.66 -6.70 -2.61
C ALA A 87 -7.13 -6.94 -2.84
N ILE A 88 -7.78 -7.64 -1.90
CA ILE A 88 -9.22 -7.89 -1.98
C ILE A 88 -9.98 -6.56 -1.94
N THR A 89 -9.58 -5.68 -1.03
CA THR A 89 -10.29 -4.37 -0.94
C THR A 89 -10.17 -3.56 -2.28
N CYS A 90 -9.00 -3.64 -2.90
CA CYS A 90 -8.75 -2.93 -4.16
C CYS A 90 -9.57 -3.49 -5.30
N GLU A 91 -9.64 -4.83 -5.41
CA GLU A 91 -10.42 -5.44 -6.44
C GLU A 91 -11.91 -5.16 -6.25
N TYR A 92 -12.37 -5.16 -5.00
CA TYR A 92 -13.79 -4.90 -4.65
C TYR A 92 -14.12 -3.47 -5.13
N LEU A 93 -13.27 -2.52 -4.80
CA LEU A 93 -13.54 -1.12 -5.21
C LEU A 93 -13.57 -0.96 -6.71
N ASP A 94 -12.69 -1.69 -7.42
CA ASP A 94 -12.67 -1.54 -8.87
C ASP A 94 -13.95 -2.02 -9.49
N GLU A 95 -14.54 -3.07 -8.90
CA GLU A 95 -15.75 -3.70 -9.39
C GLU A 95 -17.07 -3.01 -8.97
N ALA A 96 -17.07 -2.50 -7.75
CA ALA A 96 -18.26 -1.96 -7.09
C ALA A 96 -18.53 -0.50 -7.43
N TYR A 97 -17.55 0.20 -7.99
CA TYR A 97 -17.68 1.67 -8.26
C TYR A 97 -17.46 2.00 -9.72
N PRO A 98 -18.03 3.12 -10.16
CA PRO A 98 -17.77 3.54 -11.53
C PRO A 98 -16.43 4.26 -11.65
N GLY A 99 -16.11 4.79 -12.83
CA GLY A 99 -14.87 5.55 -12.94
C GLY A 99 -13.87 4.80 -13.82
N LYS A 100 -12.61 5.26 -13.76
CA LYS A 100 -11.53 4.65 -14.54
C LYS A 100 -11.46 3.17 -14.06
N LYS A 101 -11.66 2.19 -14.96
CA LYS A 101 -11.40 0.78 -14.59
C LYS A 101 -9.89 0.52 -14.47
N LEU A 102 -9.47 0.03 -13.31
CA LEU A 102 -8.02 -0.15 -13.06
C LEU A 102 -7.56 -1.59 -13.42
N LEU A 103 -8.47 -2.54 -13.43
CA LEU A 103 -8.16 -3.90 -13.97
C LEU A 103 -8.72 -4.08 -15.37
N PRO A 104 -7.97 -4.81 -16.21
CA PRO A 104 -8.41 -5.18 -17.50
C PRO A 104 -9.66 -6.05 -17.48
N ASP A 105 -10.51 -5.90 -18.47
CA ASP A 105 -11.65 -6.81 -18.60
C ASP A 105 -11.20 -8.16 -19.18
N ASP A 106 -10.15 -8.13 -19.99
CA ASP A 106 -9.76 -9.37 -20.69
C ASP A 106 -9.24 -10.38 -19.65
N PRO A 107 -9.76 -11.63 -19.70
CA PRO A 107 -9.31 -12.55 -18.63
C PRO A 107 -7.77 -12.82 -18.57
N TYR A 108 -7.15 -12.90 -19.72
CA TYR A 108 -5.71 -13.19 -19.73
C TYR A 108 -4.97 -12.02 -19.22
N GLU A 109 -5.32 -10.82 -19.72
CA GLU A 109 -4.71 -9.56 -19.27
CA GLU A 109 -4.59 -9.65 -19.25
C GLU A 109 -4.78 -9.40 -17.73
N LYS A 110 -5.94 -9.74 -17.18
CA LYS A 110 -6.18 -9.66 -15.77
C LYS A 110 -5.29 -10.70 -15.04
N ALA A 111 -5.26 -11.91 -15.56
CA ALA A 111 -4.42 -12.99 -15.01
C ALA A 111 -2.95 -12.54 -14.98
N CYS A 112 -2.51 -11.86 -16.06
CA CYS A 112 -1.14 -11.29 -16.08
CA CYS A 112 -1.14 -11.33 -16.10
C CYS A 112 -0.83 -10.33 -14.96
N GLN A 113 -1.76 -9.41 -14.65
CA GLN A 113 -1.59 -8.54 -13.52
C GLN A 113 -1.46 -9.29 -12.21
N LYS A 114 -2.27 -10.34 -12.03
CA LYS A 114 -2.14 -11.14 -10.81
CA LYS A 114 -2.17 -11.19 -10.82
C LYS A 114 -0.83 -11.94 -10.76
N MET A 115 -0.31 -12.37 -11.91
CA MET A 115 0.97 -13.11 -11.95
C MET A 115 2.11 -12.13 -11.61
N ILE A 116 2.04 -10.91 -12.10
CA ILE A 116 3.03 -9.89 -11.71
C ILE A 116 2.98 -9.63 -10.18
N LEU A 117 1.78 -9.57 -9.59
CA LEU A 117 1.65 -9.46 -8.13
C LEU A 117 2.32 -10.62 -7.43
N GLU A 118 2.12 -11.83 -7.95
CA GLU A 118 2.92 -12.96 -7.45
C GLU A 118 4.46 -12.76 -7.55
N LEU A 119 4.97 -12.25 -8.68
CA LEU A 119 6.39 -11.97 -8.87
C LEU A 119 6.85 -11.00 -7.74
N PHE A 120 5.97 -10.10 -7.33
CA PHE A 120 6.29 -9.08 -6.33
C PHE A 120 6.18 -9.58 -4.89
N SER A 121 5.44 -10.67 -4.67
CA SER A 121 4.86 -10.97 -3.36
C SER A 121 5.90 -11.23 -2.24
N LYS A 122 7.14 -11.51 -2.58
CA LYS A 122 8.24 -11.62 -1.57
C LYS A 122 8.69 -10.26 -1.03
N VAL A 123 8.41 -9.20 -1.76
CA VAL A 123 8.99 -7.89 -1.40
C VAL A 123 8.45 -7.35 -0.04
N PRO A 124 7.16 -7.46 0.24
CA PRO A 124 6.70 -6.94 1.56
C PRO A 124 7.35 -7.61 2.76
N SER A 125 7.62 -8.89 2.64
CA SER A 125 8.23 -9.63 3.74
C SER A 125 9.70 -9.26 3.89
N LEU A 126 10.39 -9.05 2.76
CA LEU A 126 11.76 -8.54 2.76
C LEU A 126 11.90 -7.14 3.40
N VAL A 127 10.98 -6.24 3.07
CA VAL A 127 10.99 -4.89 3.65
C VAL A 127 10.85 -5.03 5.15
N GLY A 128 9.88 -5.84 5.56
CA GLY A 128 9.74 -6.25 6.98
C GLY A 128 11.06 -6.65 7.61
N SER A 129 11.79 -7.55 6.96
CA SER A 129 13.13 -7.94 7.44
C SER A 129 14.15 -6.80 7.44
N PHE A 130 14.08 -5.95 6.43
CA PHE A 130 15.04 -4.88 6.29
C PHE A 130 14.94 -3.84 7.40
N ILE A 131 13.72 -3.36 7.64
CA ILE A 131 13.39 -2.50 8.78
C ILE A 131 14.11 -2.92 10.11
N ARG A 132 14.38 -4.23 10.24
CA ARG A 132 15.06 -4.82 11.44
C ARG A 132 16.60 -5.01 11.33
N SER A 133 17.15 -4.79 10.12
CA SER A 133 18.58 -4.95 9.81
C SER A 133 19.46 -4.19 10.83
N GLN A 134 20.57 -4.79 11.25
CA GLN A 134 21.37 -4.26 12.39
C GLN A 134 22.69 -3.60 12.01
N ASN A 135 23.29 -4.02 10.90
CA ASN A 135 24.66 -3.66 10.58
C ASN A 135 24.92 -3.73 9.07
N LYS A 136 26.14 -3.37 8.67
CA LYS A 136 26.49 -3.30 7.23
C LYS A 136 26.50 -4.66 6.51
N GLU A 137 26.82 -5.74 7.24
CA GLU A 137 26.80 -7.11 6.69
C GLU A 137 25.36 -7.54 6.38
N ASP A 138 24.44 -7.34 7.34
CA ASP A 138 23.03 -7.67 7.15
C ASP A 138 22.48 -6.87 5.97
N TYR A 139 22.94 -5.61 5.88
CA TYR A 139 22.48 -4.67 4.85
C TYR A 139 22.99 -5.12 3.46
N ALA A 140 24.28 -5.46 3.38
CA ALA A 140 24.84 -6.02 2.14
C ALA A 140 23.99 -7.22 1.63
N GLY A 141 23.57 -8.11 2.56
CA GLY A 141 22.78 -9.30 2.20
C GLY A 141 21.39 -8.99 1.73
N LEU A 142 20.71 -8.11 2.44
CA LEU A 142 19.38 -7.73 2.05
C LEU A 142 19.43 -6.98 0.72
N LYS A 143 20.48 -6.20 0.48
CA LYS A 143 20.66 -5.62 -0.85
C LYS A 143 20.62 -6.70 -1.98
N GLU A 144 21.32 -7.82 -1.79
CA GLU A 144 21.29 -8.91 -2.78
C GLU A 144 19.90 -9.57 -2.94
N GLU A 145 19.21 -9.74 -1.83
CA GLU A 145 17.86 -10.30 -1.87
C GLU A 145 16.91 -9.40 -2.66
N PHE A 146 16.90 -8.10 -2.34
CA PHE A 146 16.12 -7.12 -3.11
C PHE A 146 16.53 -7.10 -4.59
N ARG A 147 17.81 -7.15 -4.90
CA ARG A 147 18.20 -7.11 -6.32
C ARG A 147 17.69 -8.33 -7.10
N LYS A 148 17.65 -9.52 -6.48
CA LYS A 148 17.04 -10.69 -7.12
C LYS A 148 15.56 -10.50 -7.45
N GLU A 149 14.81 -9.95 -6.50
CA GLU A 149 13.38 -9.71 -6.69
C GLU A 149 13.20 -8.60 -7.72
N PHE A 150 14.04 -7.56 -7.68
CA PHE A 150 13.85 -6.47 -8.66
C PHE A 150 14.13 -6.94 -10.10
N THR A 151 15.11 -7.85 -10.31
CA THR A 151 15.36 -8.33 -11.70
C THR A 151 14.17 -9.13 -12.23
N LYS A 152 13.40 -9.81 -11.37
CA LYS A 152 12.15 -10.43 -11.84
C LYS A 152 11.18 -9.40 -12.45
N LEU A 153 11.06 -8.26 -11.76
CA LEU A 153 10.19 -7.20 -12.22
C LEU A 153 10.73 -6.50 -13.46
N GLU A 154 12.04 -6.30 -13.54
CA GLU A 154 12.71 -5.71 -14.72
C GLU A 154 12.39 -6.52 -15.97
N GLU A 155 12.39 -7.84 -15.84
CA GLU A 155 12.17 -8.68 -16.98
C GLU A 155 10.77 -8.50 -17.58
N VAL A 156 9.76 -8.29 -16.72
CA VAL A 156 8.39 -7.99 -17.17
C VAL A 156 8.38 -6.75 -18.05
N LEU A 157 8.96 -5.66 -17.52
CA LEU A 157 9.03 -4.42 -18.32
C LEU A 157 9.82 -4.56 -19.62
N THR A 158 10.89 -5.37 -19.61
CA THR A 158 11.76 -5.55 -20.78
C THR A 158 11.03 -6.15 -21.97
N ASN A 159 10.22 -7.16 -21.73
CA ASN A 159 9.42 -7.74 -22.83
C ASN A 159 8.25 -6.84 -23.30
N LYS A 160 7.56 -6.22 -22.35
CA LYS A 160 6.36 -5.46 -22.64
C LYS A 160 6.71 -4.19 -23.36
N LYS A 161 7.86 -3.64 -23.01
CA LYS A 161 8.33 -2.35 -23.51
C LYS A 161 7.31 -1.25 -23.26
N THR A 162 6.54 -1.42 -22.18
CA THR A 162 5.54 -0.43 -21.80
C THR A 162 6.02 0.37 -20.60
N THR A 163 5.44 1.57 -20.45
CA THR A 163 5.79 2.53 -19.39
C THR A 163 5.48 1.89 -17.99
N PHE A 164 4.38 1.17 -17.91
CA PHE A 164 3.90 0.66 -16.64
C PHE A 164 3.70 -0.84 -16.75
N PHE A 165 3.41 -1.50 -15.61
CA PHE A 165 3.38 -3.00 -15.58
C PHE A 165 2.20 -3.62 -16.31
N GLY A 166 1.15 -2.85 -16.54
CA GLY A 166 -0.01 -3.30 -17.29
C GLY A 166 -0.21 -2.74 -18.69
N GLY A 167 0.68 -1.85 -19.14
CA GLY A 167 0.52 -1.13 -20.41
C GLY A 167 1.10 0.25 -20.31
N ASN A 168 0.74 1.16 -21.21
CA ASN A 168 1.30 2.51 -21.19
C ASN A 168 0.57 3.46 -20.28
N SER A 169 -0.54 2.98 -19.75
CA SER A 169 -1.38 3.70 -18.82
C SER A 169 -1.22 2.99 -17.46
N ILE A 170 -1.10 3.77 -16.39
CA ILE A 170 -1.05 3.26 -15.04
C ILE A 170 -2.32 2.44 -14.74
N SER A 171 -2.18 1.33 -14.03
CA SER A 171 -3.34 0.49 -13.71
C SER A 171 -3.17 -0.13 -12.34
N MET A 172 -4.07 -1.06 -12.02
CA MET A 172 -4.12 -1.61 -10.67
C MET A 172 -2.75 -2.13 -10.17
N ILE A 173 -2.06 -2.93 -11.02
CA ILE A 173 -0.85 -3.54 -10.61
C ILE A 173 0.17 -2.54 -10.16
N ASP A 174 0.25 -1.38 -10.82
CA ASP A 174 1.23 -0.38 -10.41
C ASP A 174 0.93 0.13 -9.00
N TYR A 175 -0.35 0.41 -8.73
CA TYR A 175 -0.75 0.89 -7.40
C TYR A 175 -0.53 -0.15 -6.34
N LEU A 176 -0.69 -1.44 -6.67
CA LEU A 176 -0.47 -2.49 -5.68
C LEU A 176 0.99 -2.61 -5.29
N ILE A 177 1.90 -2.36 -6.21
CA ILE A 177 3.30 -2.54 -5.84
CA ILE A 177 3.35 -2.49 -5.99
C ILE A 177 3.97 -1.22 -5.34
N TRP A 178 3.46 -0.09 -5.75
CA TRP A 178 4.08 1.22 -5.44
C TRP A 178 4.48 1.45 -3.97
N PRO A 179 3.60 1.17 -3.00
CA PRO A 179 3.94 1.61 -1.61
C PRO A 179 5.30 1.13 -1.09
N TRP A 180 5.76 -0.04 -1.54
CA TRP A 180 7.05 -0.57 -1.09
C TRP A 180 8.20 0.14 -1.76
N PHE A 181 8.00 0.56 -3.01
CA PHE A 181 9.01 1.35 -3.72
C PHE A 181 9.09 2.78 -3.14
N GLU A 182 7.94 3.35 -2.76
CA GLU A 182 7.92 4.68 -2.10
C GLU A 182 8.82 4.69 -0.88
N ARG A 183 8.77 3.61 -0.10
CA ARG A 183 9.57 3.51 1.14
C ARG A 183 11.02 3.11 0.91
N LEU A 184 11.37 2.63 -0.28
CA LEU A 184 12.80 2.32 -0.60
C LEU A 184 13.89 3.36 -0.38
N GLU A 185 13.76 4.61 -0.89
CA GLU A 185 14.67 5.71 -0.47
C GLU A 185 14.93 5.72 1.03
N ALA A 186 13.84 5.87 1.77
CA ALA A 186 13.89 5.98 3.20
C ALA A 186 14.60 4.78 3.88
N MET A 187 14.52 3.61 3.25
CA MET A 187 15.12 2.39 3.80
CA MET A 187 15.12 2.36 3.74
C MET A 187 16.57 2.24 3.33
N LYS A 188 17.08 3.25 2.63
CA LYS A 188 18.38 3.20 1.97
C LYS A 188 18.59 2.01 1.03
N LEU A 189 17.63 1.79 0.14
CA LEU A 189 17.68 0.63 -0.72
C LEU A 189 17.54 1.05 -2.20
N ASN A 190 17.87 2.31 -2.51
CA ASN A 190 17.73 2.77 -3.92
C ASN A 190 18.76 2.10 -4.83
N GLU A 191 19.94 1.77 -4.27
CA GLU A 191 21.01 1.12 -5.04
C GLU A 191 20.75 -0.37 -5.37
N CYS A 192 19.61 -0.89 -4.93
CA CYS A 192 19.12 -2.18 -5.39
C CYS A 192 18.45 -2.06 -6.78
N VAL A 193 17.96 -0.86 -7.14
CA VAL A 193 17.36 -0.63 -8.47
C VAL A 193 18.36 -0.11 -9.51
N ASP A 194 19.65 -0.11 -9.18
CA ASP A 194 20.72 0.34 -10.11
C ASP A 194 21.19 -0.69 -11.18
N HIS A 195 20.80 -1.96 -11.07
CA HIS A 195 21.00 -2.89 -12.21
C HIS A 195 19.67 -3.20 -12.91
N THR A 196 18.66 -2.37 -12.63
CA THR A 196 17.29 -2.54 -13.17
C THR A 196 16.79 -1.20 -13.78
N PRO A 197 17.31 -0.83 -14.95
CA PRO A 197 17.05 0.52 -15.48
C PRO A 197 15.60 0.83 -15.85
N LYS A 198 14.87 -0.15 -16.37
CA LYS A 198 13.47 0.12 -16.67
C LYS A 198 12.63 0.30 -15.40
N LEU A 199 12.97 -0.44 -14.34
CA LEU A 199 12.26 -0.33 -13.06
C LEU A 199 12.55 1.05 -12.42
N LYS A 200 13.77 1.54 -12.58
CA LYS A 200 14.12 2.89 -12.12
C LYS A 200 13.28 3.98 -12.87
N LEU A 201 13.15 3.84 -14.18
CA LEU A 201 12.30 4.74 -14.98
C LEU A 201 10.82 4.67 -14.57
N TRP A 202 10.36 3.46 -14.26
CA TRP A 202 8.99 3.24 -13.76
C TRP A 202 8.75 4.01 -12.48
N MET A 203 9.72 4.00 -11.56
CA MET A 203 9.57 4.73 -10.32
C MET A 203 9.42 6.25 -10.58
N ALA A 204 10.19 6.79 -11.52
CA ALA A 204 10.12 8.23 -11.89
C ALA A 204 8.73 8.55 -12.46
N ALA A 205 8.23 7.68 -13.31
CA ALA A 205 6.87 7.77 -13.92
C ALA A 205 5.77 7.71 -12.89
N MET A 206 5.93 6.81 -11.90
CA MET A 206 4.95 6.72 -10.85
C MET A 206 4.84 8.04 -10.06
N LYS A 207 5.98 8.65 -9.79
CA LYS A 207 6.00 9.87 -8.99
C LYS A 207 5.34 11.06 -9.67
N GLU A 208 5.21 10.97 -10.97
CA GLU A 208 4.53 11.99 -11.79
C GLU A 208 2.99 11.76 -11.82
N ASP A 209 2.53 10.60 -11.39
CA ASP A 209 1.09 10.28 -11.49
C ASP A 209 0.35 11.15 -10.47
N PRO A 210 -0.75 11.81 -10.89
CA PRO A 210 -1.46 12.63 -9.92
C PRO A 210 -1.95 11.92 -8.66
N THR A 211 -2.42 10.67 -8.75
CA THR A 211 -2.89 9.92 -7.61
C THR A 211 -1.75 9.59 -6.69
N VAL A 212 -0.66 9.08 -7.26
CA VAL A 212 0.55 8.77 -6.42
C VAL A 212 1.05 10.05 -5.74
N SER A 213 1.21 11.15 -6.50
CA SER A 213 1.79 12.34 -5.94
C SER A 213 0.93 12.88 -4.78
N ALA A 214 -0.39 12.76 -4.91
CA ALA A 214 -1.32 13.26 -3.88
C ALA A 214 -1.16 12.57 -2.54
N LEU A 215 -0.77 11.30 -2.60
CA LEU A 215 -0.68 10.45 -1.43
C LEU A 215 0.75 10.19 -0.91
N LEU A 216 1.76 10.67 -1.59
CA LEU A 216 3.15 10.44 -1.21
C LEU A 216 3.44 11.06 0.17
N THR A 217 4.06 10.28 1.05
CA THR A 217 4.56 10.77 2.32
C THR A 217 6.07 11.12 2.19
N SER A 218 6.46 12.23 2.78
CA SER A 218 7.88 12.69 2.82
C SER A 218 8.80 11.68 3.53
N GLU A 219 10.04 11.57 3.09
CA GLU A 219 11.02 10.75 3.82
C GLU A 219 11.07 11.10 5.32
N LYS A 220 11.15 12.38 5.67
CA LYS A 220 11.25 12.79 7.08
C LYS A 220 10.05 12.32 7.94
N ASP A 221 8.83 12.37 7.36
CA ASP A 221 7.63 11.91 8.07
C ASP A 221 7.64 10.39 8.23
N TRP A 222 8.03 9.66 7.20
CA TRP A 222 8.05 8.20 7.30
C TRP A 222 9.12 7.78 8.31
N GLN A 223 10.24 8.49 8.30
CA GLN A 223 11.37 8.19 9.23
C GLN A 223 10.94 8.44 10.68
N GLY A 224 10.14 9.48 10.92
CA GLY A 224 9.66 9.78 12.27
C GLY A 224 8.75 8.67 12.75
N PHE A 225 7.90 8.23 11.84
CA PHE A 225 6.98 7.15 12.12
C PHE A 225 7.78 5.89 12.48
N LEU A 226 8.80 5.60 11.66
CA LEU A 226 9.47 4.32 11.76
C LEU A 226 10.21 4.19 13.08
N GLU A 227 10.88 5.27 13.50
CA GLU A 227 11.63 5.25 14.73
C GLU A 227 10.74 4.93 15.91
N LEU A 228 9.52 5.49 15.90
CA LEU A 228 8.58 5.29 17.01
C LEU A 228 7.96 3.88 16.91
N TYR A 229 7.74 3.42 15.69
CA TYR A 229 7.08 2.10 15.45
C TYR A 229 7.99 0.99 15.92
N LEU A 230 9.29 1.13 15.66
CA LEU A 230 10.28 0.15 16.09
C LEU A 230 10.41 0.03 17.60
N GLN A 231 9.90 0.99 18.33
CA GLN A 231 9.86 0.90 19.78
C GLN A 231 8.47 0.57 20.29
N ASN A 232 7.55 0.23 19.39
CA ASN A 232 6.18 -0.07 19.81
C ASN A 232 5.61 1.15 20.56
N SER A 233 5.98 2.37 20.16
CA SER A 233 5.39 3.57 20.74
C SER A 233 3.90 3.65 20.38
N PRO A 234 3.04 3.84 21.40
CA PRO A 234 1.64 4.12 21.05
C PRO A 234 1.43 5.45 20.32
N GLU A 235 2.48 6.29 20.18
CA GLU A 235 2.37 7.54 19.41
C GLU A 235 2.91 7.43 17.97
N ALA A 236 3.41 6.27 17.54
CA ALA A 236 3.95 6.12 16.16
C ALA A 236 2.97 6.50 15.06
N CYS A 237 1.78 5.92 15.15
CA CYS A 237 0.81 6.05 14.06
C CYS A 237 0.31 7.49 13.88
N ASP A 238 0.48 8.31 14.93
CA ASP A 238 0.06 9.68 14.92
C ASP A 238 1.26 10.61 14.78
N TYR A 239 2.41 10.10 14.40
CA TYR A 239 3.61 10.96 14.21
C TYR A 239 3.22 12.14 13.34
N GLY A 240 3.55 13.34 13.81
CA GLY A 240 3.23 14.56 13.08
C GLY A 240 2.03 15.31 13.64
N LEU A 241 1.16 14.60 14.37
CA LEU A 241 -0.10 15.17 14.88
C LEU A 241 0.02 15.46 16.38
S SO4 B . -6.92 9.84 2.01
O1 SO4 B . -8.33 10.13 1.76
O2 SO4 B . -6.65 9.81 3.42
O3 SO4 B . -6.21 11.01 1.50
O4 SO4 B . -6.38 8.70 1.33
S SO4 C . -23.93 3.51 -1.01
O1 SO4 C . -24.19 3.90 0.37
O2 SO4 C . -23.77 4.69 -1.85
O3 SO4 C . -25.06 2.75 -1.50
O4 SO4 C . -22.68 2.75 -1.20
S SO4 D . -4.82 -7.84 -8.98
O1 SO4 D . -3.82 -7.19 -9.85
O2 SO4 D . -5.69 -6.93 -8.30
O3 SO4 D . -5.77 -8.56 -9.84
O4 SO4 D . -4.11 -8.73 -8.05
C1 ASC E . -0.35 -7.36 6.46
C2 ASC E . -1.16 -6.21 6.81
C3 ASC E . -2.13 -6.26 5.95
C4 ASC E . -2.11 -7.51 5.11
C5 ASC E . -2.96 -7.35 3.83
C6 ASC E . -2.31 -7.33 2.45
O1 ASC E . 0.57 -7.82 7.13
O2 ASC E . -1.01 -5.30 7.76
O3 ASC E . -3.06 -5.39 5.89
O4 ASC E . -0.75 -7.90 5.18
O5 ASC E . -3.85 -6.20 4.03
O6 ASC E . -2.71 -8.22 1.41
C1 GOL F . -1.37 12.31 6.30
O1 GOL F . -1.28 13.18 7.55
C2 GOL F . -2.87 12.25 5.93
O2 GOL F . -3.73 12.37 7.06
C3 GOL F . -3.33 10.98 5.28
O3 GOL F . -2.34 10.24 4.72
C1 GOL G . 4.42 -11.73 -15.47
O1 GOL G . 4.84 -12.98 -14.97
C2 GOL G . 4.02 -11.89 -16.93
O2 GOL G . 3.73 -10.65 -17.51
C3 GOL G . 2.79 -12.77 -17.02
O3 GOL G . 1.81 -12.11 -17.80
C1 EDO H . -10.86 -9.35 -9.84
O1 EDO H . -9.88 -8.81 -8.99
C2 EDO H . -11.79 -10.24 -9.03
O2 EDO H . -12.48 -9.62 -7.97
C ACT I . 1.12 -2.03 8.12
O ACT I . -0.18 -2.09 8.04
OXT ACT I . 1.64 -0.96 8.64
CH3 ACT I . 2.01 -3.19 7.73
#